data_8YV4
#
_entry.id   8YV4
#
_cell.length_a   53.870
_cell.length_b   63.297
_cell.length_c   70.220
_cell.angle_alpha   90.00
_cell.angle_beta   109.46
_cell.angle_gamma   90.00
#
_symmetry.space_group_name_H-M   'P 1 21 1'
#
loop_
_entity.id
_entity.type
_entity.pdbx_description
1 polymer 'Putative serine/threonine protein kinase'
2 non-polymer GLYCEROL
3 water water
#
_entity_poly.entity_id   1
_entity_poly.type   'polypeptide(L)'
_entity_poly.pdbx_seq_one_letter_code
;MRGRHSVVRVEGDRAIKQFFPAYRYNFWKEAGFLSLLQEFDFVPRLYSINPEKLEIEMEFIEGRPIKDVINELNSETIGR
ILDICRKLDVLGIQKEEMNHPDRHIIISDRIVFIDFERGVIKCRPSNLTQFAVYLNSRLRLMKNEELKKLLREYKKGFDD
ESYRELRTQILQYM
;
_entity_poly.pdbx_strand_id   A,B
#
loop_
_chem_comp.id
_chem_comp.type
_chem_comp.name
_chem_comp.formula
GOL non-polymer GLYCEROL 'C3 H8 O3'
#
# COMPACT_ATOMS: atom_id res chain seq x y z
N ARG A 4 22.12 3.74 6.83
CA ARG A 4 22.65 2.39 6.80
C ARG A 4 22.09 1.57 5.64
N HIS A 5 20.82 1.83 5.28
CA HIS A 5 20.18 1.10 4.19
C HIS A 5 20.42 1.71 2.82
N SER A 6 20.77 3.00 2.77
CA SER A 6 20.76 3.70 1.49
C SER A 6 21.65 4.93 1.58
N VAL A 7 21.90 5.52 0.41
CA VAL A 7 22.63 6.79 0.29
C VAL A 7 21.86 7.68 -0.67
N VAL A 8 21.65 8.95 -0.29
CA VAL A 8 20.98 9.91 -1.15
C VAL A 8 22.02 10.86 -1.70
N ARG A 9 22.02 11.06 -3.02
CA ARG A 9 22.87 12.05 -3.66
C ARG A 9 21.97 12.99 -4.45
N VAL A 10 22.31 14.29 -4.44
CA VAL A 10 21.47 15.32 -5.04
C VAL A 10 22.13 15.78 -6.33
N GLU A 11 21.42 15.62 -7.45
CA GLU A 11 21.91 15.97 -8.78
C GLU A 11 20.87 16.90 -9.41
N GLY A 12 21.11 18.21 -9.28
CA GLY A 12 20.14 19.19 -9.76
C GLY A 12 18.95 19.27 -8.84
N ASP A 13 17.74 19.27 -9.42
CA ASP A 13 16.54 19.27 -8.61
C ASP A 13 16.04 17.86 -8.34
N ARG A 14 16.91 16.87 -8.48
CA ARG A 14 16.57 15.49 -8.24
C ARG A 14 17.44 14.91 -7.13
N ALA A 15 16.81 14.12 -6.28
CA ALA A 15 17.49 13.31 -5.29
C ALA A 15 17.45 11.86 -5.75
N ILE A 16 18.60 11.21 -5.75
CA ILE A 16 18.71 9.81 -6.14
C ILE A 16 19.05 9.02 -4.90
N LYS A 17 18.15 8.15 -4.50
CA LYS A 17 18.34 7.33 -3.31
C LYS A 17 18.75 5.93 -3.77
N GLN A 18 19.95 5.49 -3.42
CA GLN A 18 20.39 4.16 -3.82
C GLN A 18 20.49 3.30 -2.58
N PHE A 19 19.81 2.17 -2.60
CA PHE A 19 19.89 1.25 -1.47
C PHE A 19 21.07 0.34 -1.67
N PHE A 20 21.66 -0.11 -0.58
CA PHE A 20 22.72 -1.10 -0.68
C PHE A 20 22.13 -2.44 -1.09
N PRO A 21 22.94 -3.32 -1.71
CA PRO A 21 22.39 -4.55 -2.31
C PRO A 21 21.63 -5.43 -1.32
N ALA A 22 22.02 -5.44 -0.05
CA ALA A 22 21.30 -6.25 0.94
C ALA A 22 19.88 -5.76 1.20
N TYR A 23 19.51 -4.55 0.75
CA TYR A 23 18.25 -3.93 1.15
C TYR A 23 17.26 -3.78 0.00
N ARG A 24 17.25 -4.75 -0.93
CA ARG A 24 16.24 -4.72 -1.98
C ARG A 24 14.84 -4.62 -1.39
N TYR A 25 14.61 -5.25 -0.22
CA TYR A 25 13.28 -5.23 0.38
C TYR A 25 12.84 -3.78 0.65
N ASN A 26 13.73 -2.97 1.21
CA ASN A 26 13.38 -1.59 1.55
C ASN A 26 13.27 -0.73 0.31
N PHE A 27 14.08 -1.03 -0.71
CA PHE A 27 13.95 -0.34 -2.00
C PHE A 27 12.52 -0.40 -2.52
N TRP A 28 11.89 -1.58 -2.47
CA TRP A 28 10.55 -1.73 -3.04
C TRP A 28 9.48 -1.08 -2.17
N LYS A 29 9.68 -1.07 -0.86
CA LYS A 29 8.73 -0.39 0.01
C LYS A 29 8.79 1.11 -0.21
N GLU A 30 9.99 1.67 -0.36
CA GLU A 30 10.09 3.10 -0.67
C GLU A 30 9.41 3.41 -1.99
N ALA A 31 9.69 2.62 -3.02
CA ALA A 31 9.06 2.86 -4.32
C ALA A 31 7.55 2.70 -4.24
N GLY A 32 7.09 1.64 -3.53
CA GLY A 32 5.66 1.37 -3.47
C GLY A 32 4.89 2.47 -2.77
N PHE A 33 5.35 2.85 -1.58
CA PHE A 33 4.59 3.85 -0.83
C PHE A 33 4.69 5.22 -1.45
N LEU A 34 5.85 5.59 -2.00
CA LEU A 34 5.90 6.87 -2.71
C LEU A 34 4.91 6.88 -3.88
N SER A 35 4.83 5.76 -4.63
CA SER A 35 3.89 5.66 -5.77
C SER A 35 2.46 5.84 -5.28
N LEU A 36 2.08 5.14 -4.21
CA LEU A 36 0.72 5.21 -3.69
C LEU A 36 0.40 6.58 -3.11
N LEU A 37 1.41 7.41 -2.78
CA LEU A 37 1.15 8.74 -2.23
C LEU A 37 1.31 9.88 -3.24
N GLN A 38 1.57 9.57 -4.52
CA GLN A 38 1.77 10.63 -5.50
C GLN A 38 0.52 11.50 -5.69
N GLU A 39 -0.68 11.01 -5.38
CA GLU A 39 -1.81 11.94 -5.52
C GLU A 39 -1.79 13.05 -4.49
N PHE A 40 -0.90 13.00 -3.50
CA PHE A 40 -0.86 14.04 -2.48
C PHE A 40 0.41 14.88 -2.58
N ASP A 41 0.35 16.09 -2.04
CA ASP A 41 1.48 16.99 -2.19
C ASP A 41 2.50 16.88 -1.05
N PHE A 42 2.32 15.94 -0.10
CA PHE A 42 3.23 15.91 1.04
C PHE A 42 4.33 14.85 0.90
N VAL A 43 4.57 14.34 -0.29
CA VAL A 43 5.72 13.45 -0.55
C VAL A 43 6.45 13.97 -1.77
N PRO A 44 7.72 13.58 -1.96
CA PRO A 44 8.42 13.99 -3.20
C PRO A 44 7.77 13.36 -4.43
N ARG A 45 7.86 14.08 -5.55
CA ARG A 45 7.50 13.48 -6.83
C ARG A 45 8.45 12.33 -7.10
N LEU A 46 7.91 11.24 -7.61
CA LEU A 46 8.69 10.08 -8.01
C LEU A 46 8.88 10.10 -9.53
N TYR A 47 10.13 10.02 -9.99
CA TYR A 47 10.43 10.16 -11.40
C TYR A 47 10.78 8.85 -12.05
N SER A 48 11.49 7.97 -11.36
CA SER A 48 11.88 6.72 -12.01
C SER A 48 12.37 5.76 -10.93
N ILE A 49 12.34 4.47 -11.27
CA ILE A 49 12.92 3.44 -10.41
C ILE A 49 13.83 2.59 -11.25
N ASN A 50 14.92 2.11 -10.64
CA ASN A 50 15.83 1.22 -11.34
C ASN A 50 16.16 0.10 -10.38
N PRO A 51 15.45 -1.02 -10.46
CA PRO A 51 15.72 -2.17 -9.58
C PRO A 51 17.07 -2.81 -9.82
N GLU A 52 17.68 -2.62 -10.99
CA GLU A 52 19.00 -3.19 -11.23
C GLU A 52 20.07 -2.51 -10.37
N LYS A 53 19.94 -1.21 -10.14
CA LYS A 53 20.83 -0.46 -9.28
C LYS A 53 20.23 -0.14 -7.92
N LEU A 54 19.00 -0.57 -7.66
CA LEU A 54 18.25 -0.20 -6.45
C LEU A 54 18.27 1.30 -6.25
N GLU A 55 17.97 2.02 -7.33
CA GLU A 55 17.97 3.48 -7.31
C GLU A 55 16.56 4.02 -7.53
N ILE A 56 16.22 5.02 -6.73
CA ILE A 56 14.97 5.76 -6.90
C ILE A 56 15.33 7.21 -7.19
N GLU A 57 14.78 7.74 -8.27
CA GLU A 57 14.99 9.14 -8.67
C GLU A 57 13.75 9.91 -8.28
N MET A 58 13.92 10.94 -7.45
CA MET A 58 12.75 11.68 -6.97
C MET A 58 13.07 13.16 -6.87
N GLU A 59 12.04 13.93 -6.54
CA GLU A 59 12.17 15.38 -6.34
C GLU A 59 13.10 15.69 -5.18
N PHE A 60 14.08 16.59 -5.40
CA PHE A 60 14.82 17.15 -4.27
C PHE A 60 13.93 18.12 -3.50
N ILE A 61 13.90 17.98 -2.17
CA ILE A 61 12.99 18.77 -1.34
C ILE A 61 13.77 19.86 -0.63
N GLU A 62 13.55 21.09 -1.04
CA GLU A 62 14.19 22.20 -0.39
C GLU A 62 13.37 22.63 0.82
N GLY A 63 14.07 23.11 1.84
CA GLY A 63 13.48 23.47 3.11
C GLY A 63 14.36 22.98 4.25
N ARG A 64 13.91 23.17 5.47
CA ARG A 64 14.74 22.74 6.60
C ARG A 64 14.11 21.53 7.29
N PRO A 65 14.91 20.59 7.76
CA PRO A 65 14.35 19.46 8.51
C PRO A 65 13.75 19.96 9.82
N ILE A 66 12.72 19.25 10.28
CA ILE A 66 11.94 19.71 11.43
C ILE A 66 12.82 19.90 12.67
N LYS A 67 13.87 19.08 12.82
CA LYS A 67 14.74 19.19 13.99
C LYS A 67 15.41 20.56 14.07
N ASP A 68 15.55 21.27 12.95
CA ASP A 68 16.15 22.61 12.92
C ASP A 68 15.17 23.72 13.26
N VAL A 69 13.87 23.46 13.27
CA VAL A 69 12.91 24.58 13.39
C VAL A 69 11.77 24.28 14.35
N ILE A 70 11.80 23.10 15.01
CA ILE A 70 10.62 22.61 15.72
C ILE A 70 10.17 23.61 16.80
N ASN A 71 11.12 24.25 17.46
CA ASN A 71 10.76 25.19 18.52
C ASN A 71 10.31 26.55 17.99
N GLU A 72 10.49 26.83 16.71
CA GLU A 72 10.03 28.09 16.14
C GLU A 72 8.68 27.95 15.43
N LEU A 73 8.16 26.73 15.29
CA LEU A 73 6.98 26.47 14.47
C LEU A 73 5.73 26.96 15.18
N ASN A 74 4.85 27.65 14.44
CA ASN A 74 3.63 28.17 15.03
C ASN A 74 2.56 27.08 15.06
N SER A 75 1.41 27.41 15.66
CA SER A 75 0.33 26.42 15.80
C SER A 75 -0.28 26.06 14.46
N GLU A 76 -0.36 27.03 13.53
CA GLU A 76 -0.86 26.71 12.18
C GLU A 76 -0.02 25.61 11.53
N THR A 77 1.30 25.71 11.67
CA THR A 77 2.19 24.78 10.99
C THR A 77 2.15 23.40 11.64
N ILE A 78 2.18 23.35 12.97
CA ILE A 78 2.04 22.07 13.67
C ILE A 78 0.72 21.39 13.30
N GLY A 79 -0.36 22.17 13.21
CA GLY A 79 -1.63 21.60 12.82
C GLY A 79 -1.57 20.97 11.44
N ARG A 80 -0.81 21.59 10.52
CA ARG A 80 -0.67 21.02 9.18
C ARG A 80 0.08 19.69 9.23
N ILE A 81 1.07 19.56 10.10
CA ILE A 81 1.80 18.31 10.22
C ILE A 81 0.91 17.23 10.81
N LEU A 82 0.14 17.58 11.84
CA LEU A 82 -0.83 16.64 12.40
C LEU A 82 -1.80 16.14 11.35
N ASP A 83 -2.23 17.04 10.44
CA ASP A 83 -3.13 16.64 9.36
C ASP A 83 -2.50 15.58 8.47
N ILE A 84 -1.21 15.72 8.15
CA ILE A 84 -0.57 14.73 7.27
C ILE A 84 -0.45 13.38 7.99
N CYS A 85 -0.08 13.39 9.28
CA CYS A 85 -0.02 12.14 10.02
C CYS A 85 -1.39 11.48 10.04
N ARG A 86 -2.44 12.26 10.28
CA ARG A 86 -3.80 11.73 10.27
C ARG A 86 -4.16 11.16 8.90
N LYS A 87 -3.79 11.87 7.83
CA LYS A 87 -4.04 11.38 6.49
C LYS A 87 -3.42 10.00 6.28
N LEU A 88 -2.17 9.83 6.70
CA LEU A 88 -1.50 8.53 6.56
C LEU A 88 -2.20 7.48 7.42
N ASP A 89 -2.64 7.86 8.62
CA ASP A 89 -3.46 6.96 9.42
C ASP A 89 -4.69 6.50 8.64
N VAL A 90 -5.37 7.44 7.96
CA VAL A 90 -6.61 7.10 7.28
C VAL A 90 -6.33 6.22 6.07
N LEU A 91 -5.25 6.50 5.35
CA LEU A 91 -4.84 5.71 4.20
C LEU A 91 -4.39 4.31 4.59
N GLY A 92 -4.18 4.03 5.88
CA GLY A 92 -3.70 2.73 6.29
C GLY A 92 -2.21 2.52 6.12
N ILE A 93 -1.42 3.58 6.04
CA ILE A 93 0.03 3.47 5.84
C ILE A 93 0.72 3.91 7.13
N GLN A 94 1.38 2.95 7.80
CA GLN A 94 2.23 3.22 8.95
C GLN A 94 3.65 3.49 8.46
N LYS A 95 4.06 4.76 8.48
CA LYS A 95 5.37 5.13 7.94
C LYS A 95 6.51 4.59 8.81
N GLU A 96 6.30 4.48 10.13
CA GLU A 96 7.26 4.07 11.15
C GLU A 96 8.25 5.19 11.50
N GLU A 97 8.82 5.13 12.70
CA GLU A 97 9.80 6.12 13.19
C GLU A 97 9.23 7.53 13.22
N MET A 98 7.91 7.67 13.32
CA MET A 98 7.29 8.98 13.34
C MET A 98 7.51 9.68 14.69
N ASN A 99 7.96 8.94 15.71
CA ASN A 99 8.41 9.52 16.96
C ASN A 99 9.84 10.01 16.89
N HIS A 100 10.54 9.73 15.79
CA HIS A 100 11.84 10.33 15.50
C HIS A 100 11.83 10.91 14.09
N PRO A 101 10.97 11.90 13.83
CA PRO A 101 10.86 12.45 12.47
C PRO A 101 11.88 13.53 12.16
N ASP A 102 12.92 13.63 13.00
CA ASP A 102 13.82 14.79 13.05
C ASP A 102 14.33 15.18 11.67
N ARG A 103 14.76 14.20 10.88
CA ARG A 103 15.31 14.43 9.56
C ARG A 103 14.35 14.09 8.42
N HIS A 104 13.09 13.74 8.73
CA HIS A 104 12.18 13.18 7.73
C HIS A 104 10.95 14.03 7.46
N ILE A 105 10.80 15.18 8.10
CA ILE A 105 9.79 16.18 7.77
C ILE A 105 10.55 17.44 7.37
N ILE A 106 10.40 17.84 6.12
CA ILE A 106 11.12 18.99 5.56
C ILE A 106 10.14 20.14 5.41
N ILE A 107 10.49 21.29 5.97
CA ILE A 107 9.56 22.40 6.11
C ILE A 107 10.09 23.60 5.31
N SER A 108 9.30 24.04 4.34
CA SER A 108 9.54 25.27 3.59
C SER A 108 8.24 26.07 3.65
N ASP A 109 7.77 26.62 2.53
CA ASP A 109 6.39 27.09 2.50
C ASP A 109 5.41 25.91 2.61
N ARG A 110 5.86 24.71 2.27
CA ARG A 110 5.07 23.49 2.35
C ARG A 110 5.74 22.50 3.30
N ILE A 111 5.04 21.39 3.55
CA ILE A 111 5.49 20.35 4.47
C ILE A 111 5.61 19.09 3.65
N VAL A 112 6.81 18.49 3.60
CA VAL A 112 7.01 17.25 2.86
C VAL A 112 7.54 16.17 3.82
N PHE A 113 6.93 15.00 3.77
CA PHE A 113 7.44 13.82 4.46
C PHE A 113 8.35 13.02 3.51
N ILE A 114 9.49 12.56 4.02
CA ILE A 114 10.38 11.74 3.19
C ILE A 114 10.75 10.47 3.97
N ASP A 115 11.27 9.48 3.20
CA ASP A 115 11.78 8.20 3.70
C ASP A 115 10.67 7.23 4.10
N PHE A 116 10.16 6.46 3.12
CA PHE A 116 9.09 5.50 3.36
C PHE A 116 9.55 4.03 3.36
N GLU A 117 10.86 3.75 3.45
CA GLU A 117 11.41 2.41 3.21
C GLU A 117 11.13 1.39 4.35
N ARG A 118 10.55 1.94 5.41
CA ARG A 118 10.08 1.09 6.51
C ARG A 118 8.54 1.14 6.60
N GLY A 119 7.83 1.74 5.61
CA GLY A 119 6.41 1.78 5.71
C GLY A 119 5.86 0.36 5.72
N VAL A 120 4.71 0.21 6.39
CA VAL A 120 3.91 -1.02 6.32
C VAL A 120 2.44 -0.64 6.29
N ILE A 121 1.61 -1.56 5.76
CA ILE A 121 0.16 -1.36 5.76
C ILE A 121 -0.40 -1.80 7.10
N LYS A 122 -1.30 -0.99 7.70
CA LYS A 122 -1.95 -1.41 8.94
C LYS A 122 -3.36 -0.84 9.03
N CYS A 123 -4.24 -1.56 9.71
CA CYS A 123 -5.63 -1.13 9.91
C CYS A 123 -5.68 0.20 10.65
N ARG A 124 -4.94 0.30 11.76
CA ARG A 124 -4.90 1.51 12.60
C ARG A 124 -3.45 1.92 12.81
N PRO A 125 -2.88 2.66 11.86
CA PRO A 125 -1.48 3.09 11.98
C PRO A 125 -1.23 4.00 13.17
N SER A 126 0.05 4.15 13.49
CA SER A 126 0.49 4.94 14.64
C SER A 126 1.21 6.23 14.25
N ASN A 127 0.93 6.79 13.07
CA ASN A 127 1.66 7.98 12.64
C ASN A 127 1.43 9.15 13.57
N LEU A 128 0.15 9.43 13.87
CA LEU A 128 -0.19 10.61 14.65
C LEU A 128 0.29 10.50 16.09
N THR A 129 0.16 9.32 16.67
CA THR A 129 0.57 9.16 18.06
C THR A 129 2.08 9.00 18.23
N GLN A 130 2.77 8.44 17.24
CA GLN A 130 4.23 8.49 17.27
C GLN A 130 4.70 9.94 17.19
N PHE A 131 4.10 10.72 16.28
CA PHE A 131 4.48 12.12 16.15
C PHE A 131 4.13 12.92 17.40
N ALA A 132 2.99 12.60 18.02
CA ALA A 132 2.56 13.32 19.21
C ALA A 132 3.57 13.14 20.34
N VAL A 133 4.16 11.95 20.45
CA VAL A 133 5.20 11.73 21.45
C VAL A 133 6.40 12.63 21.17
N TYR A 134 6.81 12.69 19.90
CA TYR A 134 7.91 13.57 19.52
C TYR A 134 7.55 15.03 19.81
N LEU A 135 6.36 15.45 19.39
CA LEU A 135 5.93 16.84 19.57
C LEU A 135 5.95 17.24 21.03
N ASN A 136 5.36 16.41 21.90
CA ASN A 136 5.38 16.68 23.34
C ASN A 136 6.80 16.58 23.90
N SER A 137 7.64 15.73 23.32
CA SER A 137 9.00 15.63 23.79
C SER A 137 9.78 16.92 23.52
N ARG A 138 9.46 17.61 22.42
CA ARG A 138 10.20 18.80 22.03
C ARG A 138 9.57 20.08 22.56
N LEU A 139 8.25 20.16 22.66
CA LEU A 139 7.54 21.38 23.06
C LEU A 139 7.09 21.36 24.51
N ARG A 140 7.26 20.24 25.22
CA ARG A 140 6.73 20.04 26.57
C ARG A 140 5.34 20.61 26.75
N LEU A 141 4.43 20.15 25.90
CA LEU A 141 3.07 20.65 25.92
C LEU A 141 2.35 20.20 27.19
N MET A 142 2.69 19.03 27.73
CA MET A 142 1.92 18.37 28.78
C MET A 142 2.71 17.17 29.30
N LYS A 143 2.25 16.60 30.42
CA LYS A 143 2.87 15.39 30.96
C LYS A 143 2.32 14.16 30.23
N ASN A 144 3.12 13.07 30.22
CA ASN A 144 2.66 11.83 29.57
C ASN A 144 1.24 11.44 29.94
N GLU A 145 0.95 11.34 31.25
CA GLU A 145 -0.36 10.82 31.65
C GLU A 145 -1.48 11.52 30.91
N GLU A 146 -1.36 12.84 30.74
CA GLU A 146 -2.34 13.57 29.94
C GLU A 146 -2.21 13.24 28.46
N LEU A 147 -0.98 13.29 27.93
CA LEU A 147 -0.79 12.94 26.51
C LEU A 147 -1.21 11.49 26.24
N LYS A 148 -0.81 10.57 27.12
CA LYS A 148 -1.14 9.16 26.92
C LYS A 148 -2.65 8.93 26.97
N LYS A 149 -3.36 9.67 27.81
CA LYS A 149 -4.82 9.58 27.80
C LYS A 149 -5.39 10.09 26.48
N LEU A 150 -4.86 11.21 25.99
CA LEU A 150 -5.36 11.79 24.74
C LEU A 150 -5.18 10.82 23.59
N LEU A 151 -4.04 10.14 23.55
CA LEU A 151 -3.76 9.21 22.45
C LEU A 151 -4.66 7.98 22.56
N ARG A 152 -4.98 7.54 23.78
CA ARG A 152 -5.89 6.41 23.95
C ARG A 152 -7.27 6.70 23.36
N GLU A 153 -7.78 7.93 23.55
CA GLU A 153 -9.13 8.25 23.09
C GLU A 153 -9.21 8.32 21.56
N TYR A 154 -8.24 8.99 20.95
CA TYR A 154 -8.15 8.98 19.50
C TYR A 154 -8.08 7.57 18.96
N LYS A 155 -7.24 6.73 19.56
CA LYS A 155 -7.05 5.35 19.01
C LYS A 155 -8.36 4.57 19.09
N LYS A 156 -9.13 4.76 20.16
CA LYS A 156 -10.38 4.06 20.33
C LYS A 156 -11.36 4.43 19.24
N GLY A 157 -11.63 5.73 19.06
CA GLY A 157 -12.57 6.17 18.06
C GLY A 157 -12.02 6.10 16.64
N PHE A 158 -10.88 6.77 16.41
CA PHE A 158 -10.15 6.70 15.13
C PHE A 158 -10.98 7.18 13.96
N ASP A 159 -11.92 8.09 14.20
CA ASP A 159 -12.66 8.75 13.13
C ASP A 159 -12.37 10.24 13.16
N ASP A 160 -12.98 10.96 12.21
CA ASP A 160 -12.79 12.40 12.09
C ASP A 160 -13.01 13.12 13.41
N GLU A 161 -14.09 12.75 14.12
CA GLU A 161 -14.41 13.36 15.41
C GLU A 161 -13.28 13.14 16.42
N SER A 162 -12.85 11.90 16.60
CA SER A 162 -11.74 11.61 17.50
C SER A 162 -10.51 12.42 17.14
N TYR A 163 -10.24 12.57 15.83
CA TYR A 163 -9.06 13.33 15.42
C TYR A 163 -9.20 14.80 15.78
N ARG A 164 -10.35 15.40 15.48
CA ARG A 164 -10.55 16.82 15.77
C ARG A 164 -10.35 17.10 17.25
N GLU A 165 -10.87 16.23 18.12
CA GLU A 165 -10.65 16.41 19.55
C GLU A 165 -9.17 16.38 19.90
N LEU A 166 -8.45 15.37 19.40
CA LEU A 166 -7.00 15.32 19.64
C LEU A 166 -6.32 16.58 19.11
N ARG A 167 -6.67 16.99 17.88
CA ARG A 167 -6.01 18.13 17.24
C ARG A 167 -6.16 19.40 18.08
N THR A 168 -7.39 19.78 18.41
CA THR A 168 -7.60 20.97 19.25
C THR A 168 -6.96 20.80 20.62
N GLN A 169 -7.09 19.61 21.21
CA GLN A 169 -6.53 19.40 22.55
C GLN A 169 -5.01 19.38 22.54
N ILE A 170 -4.36 19.15 21.39
CA ILE A 170 -2.92 19.36 21.31
C ILE A 170 -2.59 20.83 21.12
N LEU A 171 -3.27 21.49 20.18
CA LEU A 171 -2.86 22.83 19.74
C LEU A 171 -3.21 23.93 20.75
N GLN A 172 -4.19 23.70 21.63
CA GLN A 172 -4.49 24.69 22.66
C GLN A 172 -3.24 24.97 23.50
N TYR A 173 -2.43 23.94 23.71
CA TYR A 173 -1.26 23.90 24.56
C TYR A 173 -0.09 24.74 24.06
N MET A 174 -0.17 25.35 22.89
CA MET A 174 1.01 26.00 22.34
C MET A 174 0.97 27.52 22.49
N ARG B 4 -10.02 0.03 -21.34
CA ARG B 4 -10.43 1.42 -21.45
C ARG B 4 -9.43 2.33 -20.72
N HIS B 5 -8.79 1.83 -19.66
CA HIS B 5 -7.85 2.67 -18.95
C HIS B 5 -6.45 2.65 -19.57
N SER B 6 -6.11 1.59 -20.28
CA SER B 6 -4.73 1.43 -20.69
C SER B 6 -4.67 0.48 -21.88
N VAL B 7 -3.50 0.42 -22.48
CA VAL B 7 -3.23 -0.50 -23.58
C VAL B 7 -1.95 -1.24 -23.20
N VAL B 8 -1.96 -2.56 -23.34
CA VAL B 8 -0.80 -3.39 -23.04
C VAL B 8 -0.23 -3.90 -24.36
N ARG B 9 1.07 -3.77 -24.53
CA ARG B 9 1.77 -4.35 -25.66
C ARG B 9 2.88 -5.27 -25.15
N VAL B 10 3.11 -6.37 -25.86
CA VAL B 10 4.07 -7.37 -25.45
C VAL B 10 5.25 -7.28 -26.38
N GLU B 11 6.43 -7.03 -25.83
CA GLU B 11 7.67 -6.89 -26.60
C GLU B 11 8.69 -7.86 -25.99
N GLY B 12 8.82 -9.04 -26.58
CA GLY B 12 9.76 -10.00 -25.99
C GLY B 12 9.21 -10.54 -24.68
N ASP B 13 10.05 -10.53 -23.65
CA ASP B 13 9.62 -11.02 -22.36
C ASP B 13 9.09 -9.89 -21.48
N ARG B 14 8.74 -8.76 -22.07
CA ARG B 14 8.19 -7.64 -21.31
C ARG B 14 6.79 -7.28 -21.81
N ALA B 15 5.93 -6.96 -20.86
CA ALA B 15 4.62 -6.38 -21.13
C ALA B 15 4.71 -4.91 -20.74
N ILE B 16 4.29 -4.03 -21.65
CA ILE B 16 4.37 -2.60 -21.44
C ILE B 16 2.95 -2.04 -21.42
N LYS B 17 2.56 -1.47 -20.29
CA LYS B 17 1.20 -0.99 -20.07
C LYS B 17 1.22 0.53 -20.09
N GLN B 18 0.48 1.14 -21.01
CA GLN B 18 0.41 2.60 -21.09
C GLN B 18 -1.02 3.07 -20.81
N PHE B 19 -1.16 3.97 -19.84
CA PHE B 19 -2.44 4.54 -19.42
C PHE B 19 -2.76 5.86 -20.12
N PHE B 20 -4.06 6.14 -20.28
CA PHE B 20 -4.44 7.48 -20.67
C PHE B 20 -4.18 8.44 -19.51
N PRO B 21 -3.92 9.71 -19.81
CA PRO B 21 -3.69 10.69 -18.73
C PRO B 21 -4.84 10.80 -17.74
N ALA B 22 -6.09 10.55 -18.18
CA ALA B 22 -7.19 10.58 -17.24
C ALA B 22 -7.03 9.54 -16.14
N TYR B 23 -6.22 8.51 -16.34
CA TYR B 23 -6.08 7.42 -15.39
C TYR B 23 -4.69 7.40 -14.77
N ARG B 24 -4.08 8.59 -14.66
CA ARG B 24 -2.82 8.76 -13.94
C ARG B 24 -2.88 8.14 -12.54
N TYR B 25 -4.03 8.29 -11.88
N TYR B 25 -4.01 8.22 -11.86
CA TYR B 25 -4.27 7.72 -10.56
CA TYR B 25 -3.94 7.64 -10.52
C TYR B 25 -4.11 6.20 -10.58
C TYR B 25 -4.11 6.13 -10.54
N ASN B 26 -4.61 5.55 -11.63
CA ASN B 26 -4.54 4.10 -11.73
C ASN B 26 -3.13 3.62 -12.08
N PHE B 27 -2.40 4.40 -12.89
CA PHE B 27 -0.97 4.17 -13.14
C PHE B 27 -0.19 4.06 -11.83
N TRP B 28 -0.43 4.99 -10.89
CA TRP B 28 0.34 4.97 -9.65
C TRP B 28 -0.08 3.81 -8.75
N LYS B 29 -1.36 3.42 -8.79
CA LYS B 29 -1.77 2.26 -8.01
C LYS B 29 -1.14 0.98 -8.54
N GLU B 30 -1.15 0.81 -9.87
CA GLU B 30 -0.47 -0.34 -10.46
C GLU B 30 1.01 -0.34 -10.08
N ALA B 31 1.68 0.81 -10.23
CA ALA B 31 3.09 0.86 -9.88
C ALA B 31 3.29 0.58 -8.39
N GLY B 32 2.44 1.19 -7.56
CA GLY B 32 2.61 1.08 -6.12
C GLY B 32 2.37 -0.34 -5.62
N PHE B 33 1.26 -0.94 -6.03
CA PHE B 33 0.96 -2.27 -5.51
C PHE B 33 1.88 -3.33 -6.09
N LEU B 34 2.26 -3.22 -7.38
CA LEU B 34 3.27 -4.16 -7.90
C LEU B 34 4.57 -4.04 -7.12
N SER B 35 4.98 -2.80 -6.81
CA SER B 35 6.19 -2.56 -6.01
C SER B 35 6.10 -3.25 -4.65
N LEU B 36 4.99 -3.03 -3.94
CA LEU B 36 4.77 -3.61 -2.62
C LEU B 36 4.63 -5.11 -2.65
N LEU B 37 4.37 -5.71 -3.81
CA LEU B 37 4.26 -7.16 -3.91
C LEU B 37 5.47 -7.83 -4.53
N GLN B 38 6.55 -7.09 -4.87
CA GLN B 38 7.69 -7.74 -5.48
C GLN B 38 8.34 -8.78 -4.55
N GLU B 39 8.17 -8.65 -3.24
CA GLU B 39 8.72 -9.67 -2.36
C GLU B 39 8.01 -11.02 -2.50
N PHE B 40 6.91 -11.08 -3.23
CA PHE B 40 6.19 -12.34 -3.45
C PHE B 40 6.27 -12.77 -4.91
N ASP B 41 6.04 -14.06 -5.15
CA ASP B 41 6.18 -14.59 -6.49
C ASP B 41 4.89 -14.62 -7.31
N PHE B 42 3.78 -14.10 -6.79
CA PHE B 42 2.51 -14.22 -7.51
C PHE B 42 2.11 -12.95 -8.27
N VAL B 43 3.05 -12.03 -8.51
CA VAL B 43 2.84 -10.88 -9.38
C VAL B 43 4.00 -10.80 -10.36
N PRO B 44 3.83 -10.08 -11.47
CA PRO B 44 4.95 -9.86 -12.39
C PRO B 44 6.05 -9.02 -11.77
N ARG B 45 7.27 -9.30 -12.19
CA ARG B 45 8.40 -8.44 -11.90
C ARG B 45 8.16 -7.07 -12.52
N LEU B 46 8.47 -6.02 -11.77
CA LEU B 46 8.36 -4.64 -12.24
C LEU B 46 9.74 -4.13 -12.65
N TYR B 47 9.84 -3.59 -13.87
CA TYR B 47 11.16 -3.19 -14.38
C TYR B 47 11.35 -1.70 -14.42
N SER B 48 10.31 -0.93 -14.76
CA SER B 48 10.50 0.50 -14.86
C SER B 48 9.15 1.19 -14.84
N ILE B 49 9.18 2.47 -14.48
CA ILE B 49 8.01 3.32 -14.60
C ILE B 49 8.43 4.60 -15.31
N ASN B 50 7.48 5.16 -16.05
CA ASN B 50 7.71 6.39 -16.77
C ASN B 50 6.45 7.21 -16.54
N PRO B 51 6.47 8.10 -15.54
CA PRO B 51 5.30 8.94 -15.27
C PRO B 51 4.99 9.94 -16.36
N GLU B 52 5.97 10.33 -17.17
CA GLU B 52 5.66 11.28 -18.23
C GLU B 52 4.80 10.63 -19.31
N LYS B 53 5.05 9.36 -19.63
CA LYS B 53 4.25 8.63 -20.60
C LYS B 53 3.16 7.78 -19.95
N LEU B 54 3.12 7.73 -18.60
CA LEU B 54 2.28 6.81 -17.84
C LEU B 54 2.44 5.38 -18.34
N GLU B 55 3.70 4.95 -18.47
CA GLU B 55 4.03 3.61 -18.95
C GLU B 55 4.71 2.82 -17.83
N ILE B 56 4.31 1.56 -17.68
CA ILE B 56 4.92 0.61 -16.75
C ILE B 56 5.44 -0.57 -17.56
N GLU B 57 6.72 -0.92 -17.36
CA GLU B 57 7.30 -2.09 -18.01
C GLU B 57 7.46 -3.18 -16.97
N MET B 58 6.91 -4.36 -17.27
CA MET B 58 6.93 -5.46 -16.31
C MET B 58 7.16 -6.76 -17.06
N GLU B 59 7.26 -7.84 -16.30
CA GLU B 59 7.41 -9.19 -16.86
C GLU B 59 6.17 -9.58 -17.66
N PHE B 60 6.37 -10.07 -18.89
CA PHE B 60 5.31 -10.79 -19.59
C PHE B 60 5.09 -12.15 -18.92
N ILE B 61 3.85 -12.50 -18.63
CA ILE B 61 3.55 -13.74 -17.90
C ILE B 61 3.06 -14.77 -18.90
N GLU B 62 3.82 -15.83 -19.08
CA GLU B 62 3.41 -16.89 -19.96
C GLU B 62 2.43 -17.81 -19.23
N GLY B 63 1.47 -18.34 -19.98
CA GLY B 63 0.44 -19.18 -19.38
C GLY B 63 -0.95 -18.88 -19.92
N ARG B 64 -1.97 -19.54 -19.38
CA ARG B 64 -3.32 -19.31 -19.86
C ARG B 64 -4.14 -18.56 -18.82
N PRO B 65 -5.02 -17.64 -19.22
CA PRO B 65 -5.88 -16.97 -18.25
C PRO B 65 -6.85 -17.98 -17.64
N ILE B 66 -7.25 -17.70 -16.40
CA ILE B 66 -8.06 -18.66 -15.65
C ILE B 66 -9.35 -18.99 -16.38
N LYS B 67 -9.94 -18.04 -17.12
CA LYS B 67 -11.20 -18.32 -17.81
C LYS B 67 -11.07 -19.45 -18.82
N ASP B 68 -9.86 -19.70 -19.35
CA ASP B 68 -9.66 -20.76 -20.32
C ASP B 68 -9.47 -22.13 -19.68
N VAL B 69 -9.26 -22.22 -18.36
CA VAL B 69 -8.91 -23.52 -17.78
C VAL B 69 -9.66 -23.80 -16.49
N ILE B 70 -10.57 -22.89 -16.09
CA ILE B 70 -11.14 -22.95 -14.75
C ILE B 70 -11.85 -24.28 -14.49
N ASN B 71 -12.50 -24.84 -15.51
CA ASN B 71 -13.19 -26.11 -15.33
C ASN B 71 -12.26 -27.32 -15.38
N GLU B 72 -11.00 -27.16 -15.78
CA GLU B 72 -10.05 -28.25 -15.79
C GLU B 72 -9.16 -28.24 -14.55
N LEU B 73 -9.20 -27.18 -13.75
CA LEU B 73 -8.25 -26.98 -12.67
C LEU B 73 -8.55 -27.95 -11.53
N ASN B 74 -7.50 -28.56 -10.98
CA ASN B 74 -7.69 -29.51 -9.90
C ASN B 74 -7.80 -28.78 -8.56
N SER B 75 -8.06 -29.58 -7.51
CA SER B 75 -8.29 -29.03 -6.18
C SER B 75 -7.03 -28.43 -5.58
N GLU B 76 -5.88 -29.04 -5.85
CA GLU B 76 -4.63 -28.46 -5.39
C GLU B 76 -4.41 -27.06 -5.97
N THR B 77 -4.73 -26.87 -7.25
CA THR B 77 -4.48 -25.58 -7.89
C THR B 77 -5.45 -24.51 -7.38
N ILE B 78 -6.73 -24.87 -7.23
CA ILE B 78 -7.70 -23.95 -6.65
C ILE B 78 -7.25 -23.52 -5.25
N GLY B 79 -6.74 -24.47 -4.46
CA GLY B 79 -6.22 -24.13 -3.14
C GLY B 79 -5.07 -23.15 -3.20
N ARG B 80 -4.22 -23.26 -4.23
CA ARG B 80 -3.12 -22.30 -4.38
C ARG B 80 -3.64 -20.91 -4.69
N ILE B 81 -4.70 -20.82 -5.49
CA ILE B 81 -5.29 -19.52 -5.81
C ILE B 81 -5.99 -18.94 -4.58
N LEU B 82 -6.71 -19.79 -3.84
CA LEU B 82 -7.32 -19.34 -2.60
C LEU B 82 -6.27 -18.79 -1.64
N ASP B 83 -5.10 -19.43 -1.58
CA ASP B 83 -4.02 -18.95 -0.72
C ASP B 83 -3.56 -17.56 -1.12
N ILE B 84 -3.46 -17.29 -2.43
CA ILE B 84 -2.98 -15.98 -2.86
C ILE B 84 -4.00 -14.90 -2.50
N CYS B 85 -5.30 -15.20 -2.67
CA CYS B 85 -6.32 -14.24 -2.25
C CYS B 85 -6.20 -13.95 -0.76
N ARG B 86 -6.03 -15.01 0.05
CA ARG B 86 -5.88 -14.83 1.49
C ARG B 86 -4.66 -13.99 1.81
N LYS B 87 -3.55 -14.27 1.13
CA LYS B 87 -2.35 -13.48 1.34
C LYS B 87 -2.63 -11.99 1.10
N LEU B 88 -3.31 -11.68 0.00
CA LEU B 88 -3.65 -10.28 -0.27
C LEU B 88 -4.56 -9.72 0.81
N ASP B 89 -5.52 -10.53 1.25
CA ASP B 89 -6.38 -10.15 2.37
C ASP B 89 -5.53 -9.78 3.59
N VAL B 90 -4.54 -10.61 3.90
CA VAL B 90 -3.75 -10.42 5.12
C VAL B 90 -2.91 -9.16 5.00
N LEU B 91 -2.37 -8.92 3.82
CA LEU B 91 -1.55 -7.75 3.52
C LEU B 91 -2.34 -6.44 3.53
N GLY B 92 -3.67 -6.51 3.57
CA GLY B 92 -4.46 -5.29 3.52
C GLY B 92 -4.64 -4.69 2.14
N ILE B 93 -4.45 -5.47 1.08
CA ILE B 93 -4.58 -4.96 -0.30
C ILE B 93 -5.82 -5.60 -0.93
N GLN B 94 -6.83 -4.77 -1.22
CA GLN B 94 -8.01 -5.17 -1.97
C GLN B 94 -7.74 -4.92 -3.45
N LYS B 95 -7.56 -6.00 -4.21
CA LYS B 95 -7.22 -5.84 -5.63
C LYS B 95 -8.40 -5.30 -6.43
N GLU B 96 -9.63 -5.64 -6.03
CA GLU B 96 -10.90 -5.33 -6.69
C GLU B 96 -11.13 -6.25 -7.89
N GLU B 97 -12.39 -6.40 -8.29
CA GLU B 97 -12.79 -7.18 -9.46
C GLU B 97 -12.37 -8.65 -9.38
N MET B 98 -12.15 -9.17 -8.18
CA MET B 98 -11.75 -10.56 -8.00
C MET B 98 -12.91 -11.53 -8.25
N ASN B 99 -14.14 -11.02 -8.34
CA ASN B 99 -15.26 -11.82 -8.77
C ASN B 99 -15.36 -11.91 -10.29
N HIS B 100 -14.53 -11.16 -11.00
CA HIS B 100 -14.35 -11.31 -12.46
C HIS B 100 -12.86 -11.42 -12.77
N PRO B 101 -12.18 -12.46 -12.27
CA PRO B 101 -10.73 -12.59 -12.48
C PRO B 101 -10.36 -13.22 -13.80
N ASP B 102 -11.33 -13.32 -14.71
CA ASP B 102 -11.24 -14.18 -15.89
C ASP B 102 -9.92 -14.02 -16.63
N ARG B 103 -9.48 -12.78 -16.84
CA ARG B 103 -8.26 -12.53 -17.59
C ARG B 103 -7.10 -12.09 -16.71
N HIS B 104 -7.26 -12.13 -15.38
CA HIS B 104 -6.28 -11.52 -14.48
C HIS B 104 -5.59 -12.51 -13.57
N ILE B 105 -5.87 -13.79 -13.70
CA ILE B 105 -5.10 -14.86 -13.09
C ILE B 105 -4.53 -15.70 -14.22
N ILE B 106 -3.21 -15.72 -14.36
CA ILE B 106 -2.54 -16.45 -15.43
C ILE B 106 -1.93 -17.72 -14.85
N ILE B 107 -2.26 -18.87 -15.45
CA ILE B 107 -1.94 -20.17 -14.90
C ILE B 107 -1.02 -20.88 -15.87
N SER B 108 0.17 -21.23 -15.38
CA SER B 108 1.13 -22.09 -16.07
C SER B 108 1.54 -23.17 -15.08
N ASP B 109 2.84 -23.44 -14.95
CA ASP B 109 3.29 -24.19 -13.78
C ASP B 109 3.08 -23.39 -12.50
N ARG B 110 3.02 -22.07 -12.60
CA ARG B 110 2.82 -21.16 -11.48
C ARG B 110 1.55 -20.33 -11.72
N ILE B 111 1.17 -19.58 -10.69
CA ILE B 111 -0.05 -18.78 -10.68
C ILE B 111 0.37 -17.33 -10.49
N VAL B 112 0.06 -16.46 -11.45
CA VAL B 112 0.39 -15.05 -11.34
C VAL B 112 -0.88 -14.23 -11.44
N PHE B 113 -1.04 -13.29 -10.51
CA PHE B 113 -2.11 -12.30 -10.57
C PHE B 113 -1.59 -11.06 -11.31
N ILE B 114 -2.40 -10.50 -12.19
CA ILE B 114 -1.99 -9.30 -12.89
C ILE B 114 -3.10 -8.27 -12.79
N ASP B 115 -2.72 -7.02 -13.07
CA ASP B 115 -3.61 -5.86 -13.11
C ASP B 115 -3.99 -5.37 -11.72
N PHE B 116 -3.15 -4.52 -11.14
CA PHE B 116 -3.37 -3.95 -9.81
C PHE B 116 -3.81 -2.49 -9.86
N GLU B 117 -4.23 -2.00 -11.03
CA GLU B 117 -4.51 -0.58 -11.22
C GLU B 117 -5.75 -0.11 -10.47
N ARG B 118 -6.63 -1.02 -10.03
CA ARG B 118 -7.78 -0.65 -9.20
C ARG B 118 -7.57 -0.94 -7.71
N GLY B 119 -6.39 -1.38 -7.30
CA GLY B 119 -6.21 -1.78 -5.91
C GLY B 119 -6.44 -0.65 -4.94
N VAL B 120 -6.86 -1.01 -3.72
CA VAL B 120 -6.97 -0.08 -2.60
C VAL B 120 -6.56 -0.79 -1.32
N ILE B 121 -6.10 -0.01 -0.34
CA ILE B 121 -5.76 -0.53 0.98
C ILE B 121 -7.04 -0.60 1.81
N LYS B 122 -7.28 -1.74 2.49
CA LYS B 122 -8.34 -1.75 3.50
C LYS B 122 -8.08 -2.81 4.55
N CYS B 123 -8.73 -2.59 5.70
CA CYS B 123 -8.53 -3.40 6.90
C CYS B 123 -8.82 -4.87 6.63
N ARG B 124 -9.97 -5.17 6.03
CA ARG B 124 -10.37 -6.54 5.73
C ARG B 124 -10.78 -6.62 4.26
N PRO B 125 -9.80 -6.83 3.37
CA PRO B 125 -10.10 -6.91 1.93
C PRO B 125 -11.10 -8.00 1.58
N SER B 126 -11.65 -7.89 0.37
CA SER B 126 -12.65 -8.83 -0.14
C SER B 126 -12.11 -9.72 -1.26
N ASN B 127 -10.79 -9.94 -1.31
CA ASN B 127 -10.24 -10.73 -2.40
C ASN B 127 -10.80 -12.14 -2.38
N LEU B 128 -10.77 -12.78 -1.20
CA LEU B 128 -11.19 -14.16 -1.12
C LEU B 128 -12.69 -14.31 -1.30
N THR B 129 -13.49 -13.38 -0.73
CA THR B 129 -14.93 -13.52 -0.86
C THR B 129 -15.40 -13.19 -2.27
N GLN B 130 -14.71 -12.26 -2.94
CA GLN B 130 -15.00 -12.01 -4.35
C GLN B 130 -14.63 -13.23 -5.21
N PHE B 131 -13.43 -13.79 -4.99
CA PHE B 131 -13.03 -14.95 -5.79
C PHE B 131 -13.94 -16.15 -5.55
N ALA B 132 -14.39 -16.35 -4.30
CA ALA B 132 -15.27 -17.49 -4.03
C ALA B 132 -16.57 -17.38 -4.80
N VAL B 133 -17.08 -16.16 -4.98
CA VAL B 133 -18.30 -15.99 -5.75
C VAL B 133 -18.05 -16.40 -7.20
N TYR B 134 -16.91 -15.98 -7.78
CA TYR B 134 -16.56 -16.41 -9.13
C TYR B 134 -16.41 -17.92 -9.18
N LEU B 135 -15.63 -18.47 -8.22
CA LEU B 135 -15.39 -19.90 -8.18
C LEU B 135 -16.69 -20.69 -8.15
N ASN B 136 -17.61 -20.30 -7.26
CA ASN B 136 -18.90 -20.98 -7.20
C ASN B 136 -19.71 -20.75 -8.48
N SER B 137 -19.56 -19.58 -9.11
CA SER B 137 -20.30 -19.30 -10.33
C SER B 137 -19.87 -20.19 -11.47
N ARG B 138 -18.59 -20.58 -11.52
CA ARG B 138 -18.10 -21.39 -12.63
C ARG B 138 -18.16 -22.88 -12.34
N LEU B 139 -17.95 -23.28 -11.08
CA LEU B 139 -17.89 -24.68 -10.71
C LEU B 139 -19.19 -25.15 -10.06
N ARG B 140 -20.12 -24.23 -9.83
CA ARG B 140 -21.41 -24.47 -9.17
C ARG B 140 -21.26 -25.45 -8.02
N LEU B 141 -20.35 -25.12 -7.11
CA LEU B 141 -19.96 -26.02 -6.04
C LEU B 141 -21.07 -26.20 -5.01
N MET B 142 -21.92 -25.20 -4.83
CA MET B 142 -22.83 -25.10 -3.70
C MET B 142 -23.83 -24.00 -4.00
N LYS B 143 -24.94 -23.98 -3.26
CA LYS B 143 -25.91 -22.93 -3.54
C LYS B 143 -25.49 -21.65 -2.84
N ASN B 144 -25.92 -20.52 -3.41
CA ASN B 144 -25.58 -19.19 -2.91
C ASN B 144 -25.69 -19.10 -1.39
N GLU B 145 -26.85 -19.45 -0.85
CA GLU B 145 -27.09 -19.32 0.59
C GLU B 145 -26.02 -20.02 1.41
N GLU B 146 -25.56 -21.19 0.96
CA GLU B 146 -24.50 -21.87 1.70
C GLU B 146 -23.20 -21.10 1.58
N LEU B 147 -22.85 -20.69 0.35
CA LEU B 147 -21.64 -19.89 0.15
C LEU B 147 -21.70 -18.59 0.95
N LYS B 148 -22.86 -17.91 0.93
CA LYS B 148 -23.00 -16.66 1.66
C LYS B 148 -22.83 -16.88 3.15
N LYS B 149 -23.30 -18.02 3.66
CA LYS B 149 -23.06 -18.38 5.05
C LYS B 149 -21.57 -18.60 5.31
N LEU B 150 -20.89 -19.31 4.41
CA LEU B 150 -19.46 -19.55 4.57
C LEU B 150 -18.67 -18.25 4.52
N LEU B 151 -19.03 -17.35 3.60
CA LEU B 151 -18.31 -16.09 3.48
C LEU B 151 -18.59 -15.16 4.66
N ARG B 152 -19.81 -15.20 5.18
CA ARG B 152 -20.11 -14.38 6.36
C ARG B 152 -19.22 -14.79 7.53
N GLU B 153 -19.01 -16.10 7.71
CA GLU B 153 -18.20 -16.56 8.83
C GLU B 153 -16.74 -16.19 8.66
N TYR B 154 -16.20 -16.35 7.45
CA TYR B 154 -14.82 -15.96 7.21
C TYR B 154 -14.59 -14.48 7.50
N LYS B 155 -15.48 -13.61 7.04
CA LYS B 155 -15.31 -12.18 7.25
C LYS B 155 -15.37 -11.82 8.73
N LYS B 156 -16.19 -12.55 9.51
CA LYS B 156 -16.26 -12.30 10.95
C LYS B 156 -14.94 -12.62 11.64
N GLY B 157 -14.45 -13.85 11.47
CA GLY B 157 -13.22 -14.27 12.12
C GLY B 157 -11.98 -13.66 11.49
N PHE B 158 -11.81 -13.87 10.18
CA PHE B 158 -10.77 -13.24 9.38
C PHE B 158 -9.36 -13.54 9.91
N ASP B 159 -9.18 -14.66 10.60
CA ASP B 159 -7.85 -15.11 10.96
C ASP B 159 -7.54 -16.42 10.22
N ASP B 160 -6.33 -16.93 10.43
CA ASP B 160 -5.93 -18.19 9.78
C ASP B 160 -6.95 -19.29 10.02
N GLU B 161 -7.44 -19.42 11.25
CA GLU B 161 -8.44 -20.44 11.54
C GLU B 161 -9.69 -20.26 10.69
N SER B 162 -10.27 -19.04 10.72
CA SER B 162 -11.41 -18.79 9.86
C SER B 162 -11.10 -19.15 8.41
N TYR B 163 -9.87 -18.83 7.97
CA TYR B 163 -9.48 -19.10 6.59
C TYR B 163 -9.42 -20.60 6.31
N ARG B 164 -8.76 -21.37 7.20
CA ARG B 164 -8.66 -22.81 6.98
C ARG B 164 -10.03 -23.46 6.91
N GLU B 165 -10.96 -23.06 7.78
CA GLU B 165 -12.32 -23.56 7.71
C GLU B 165 -12.95 -23.26 6.36
N LEU B 166 -12.82 -22.00 5.90
CA LEU B 166 -13.31 -21.65 4.57
C LEU B 166 -12.64 -22.51 3.49
N ARG B 167 -11.31 -22.64 3.58
CA ARG B 167 -10.53 -23.32 2.55
C ARG B 167 -10.97 -24.77 2.40
N THR B 168 -10.95 -25.53 3.49
CA THR B 168 -11.38 -26.92 3.42
C THR B 168 -12.84 -27.03 3.01
N GLN B 169 -13.70 -26.16 3.55
CA GLN B 169 -15.11 -26.27 3.20
C GLN B 169 -15.41 -25.87 1.77
N ILE B 170 -14.54 -25.10 1.11
CA ILE B 170 -14.72 -24.89 -0.31
C ILE B 170 -14.22 -26.10 -1.09
N LEU B 171 -13.02 -26.58 -0.76
CA LEU B 171 -12.35 -27.56 -1.60
C LEU B 171 -13.00 -28.94 -1.49
N GLN B 172 -13.75 -29.19 -0.43
CA GLN B 172 -14.45 -30.46 -0.32
C GLN B 172 -15.38 -30.69 -1.51
N TYR B 173 -16.00 -29.63 -2.04
CA TYR B 173 -17.03 -29.83 -3.06
C TYR B 173 -16.50 -30.33 -4.40
N MET B 174 -15.20 -30.43 -4.61
CA MET B 174 -14.71 -30.96 -5.89
C MET B 174 -14.02 -32.34 -5.76
C1 GOL C . -4.17 4.26 0.04
O1 GOL C . -5.12 4.06 1.07
C2 GOL C . -4.40 3.12 -1.00
O2 GOL C . -5.72 2.68 -0.96
C3 GOL C . -3.95 3.68 -2.39
O3 GOL C . -4.65 4.88 -2.63
#